data_1HU0
#
_entry.id   1HU0
#
_cell.length_a   91.988
_cell.length_b   91.988
_cell.length_c   211.615
_cell.angle_alpha   90.00
_cell.angle_beta   90.00
_cell.angle_gamma   120.00
#
_symmetry.space_group_name_H-M   'P 65 2 2'
#
loop_
_entity.id
_entity.type
_entity.pdbx_description
1 polymer "5'-D(*GP*GP*TP*AP*GP*AP*CP*CP*TP*GP*GP*AP*CP*GP*C)-3'"
2 polymer "5'-D(*GP*CP*GP*TP*CP*CP*AP*(PED)P*GP*TP*CP*TP*AP*CP*C)-3'"
3 polymer '8-OXOGUANINE DNA GLYCOSYLASE 1'
4 non-polymer 'CALCIUM ION'
5 non-polymer 8-OXOGUANINE
6 water water
#
loop_
_entity_poly.entity_id
_entity_poly.type
_entity_poly.pdbx_seq_one_letter_code
_entity_poly.pdbx_strand_id
1 'polydeoxyribonucleotide' (DG)(DG)(DT)(DA)(DG)(DA)(DC)(DC)(DT)(DG)(DG)(DA)(DC)(DG)(DC) D
2 'polydeoxyribonucleotide' (DG)(DC)(DG)(DT)(DC)(DC)(DA)(PED)(DG)(DT)(DC)(DT)(DA)(DC)(DC) E
3 'polypeptide(L)'
;AMADIGSEGHRTLASTPALWASIPCPRSELRLDLVLPSGQSFRWREQSPAHWSGVLADQVWTLTQTEEQLHCTVYRGDKS
QASRPTPDELEAVRKYFQLDVTLAQLYHHWGSVDSHFQEVAQKFQGVRLLRQDPIECLFSFICSSNNNIARITGMVERLC
QAFGPRLIQLDDVTYHGFPSLQALAGPEVEAHLRKLGLGYRARYVSASARAILEEQGGLAWLQQLRESSYEEAHKALCIL
PGVGTKVADCICLMALDKPQAVPVDVHMWHIAQRDYSWHPTTSQAKGPSPQTNKELGNFFRSLWGPYAGWAQAVLFSADL
RQSR
;
A
#
loop_
_chem_comp.id
_chem_comp.type
_chem_comp.name
_chem_comp.formula
CA non-polymer 'CALCIUM ION' 'Ca 2'
DA DNA linking 2'-DEOXYADENOSINE-5'-MONOPHOSPHATE 'C10 H14 N5 O6 P'
DC DNA linking 2'-DEOXYCYTIDINE-5'-MONOPHOSPHATE 'C9 H14 N3 O7 P'
DG DNA linking 2'-DEOXYGUANOSINE-5'-MONOPHOSPHATE 'C10 H14 N5 O7 P'
DT DNA linking THYMIDINE-5'-MONOPHOSPHATE 'C10 H15 N2 O8 P'
OXG non-polymer 8-OXOGUANINE 'C5 H3 N5 O2'
PED non-polymer PENTANE-3,4-DIOL-5-PHOSPHATE 'C5 H13 O6 P'
#
# COMPACT_ATOMS: atom_id res chain seq x y z
P PED B 8 -0.60 -13.48 1.13
O1P PED B 8 -0.49 -12.36 2.12
O2P PED B 8 -1.89 -14.21 1.01
O5' PED B 8 -0.21 -12.93 -0.31
C2' PED B 8 3.46 -11.06 -2.08
C5' PED B 8 1.01 -12.23 -0.52
C4' PED B 8 1.40 -12.29 -1.98
O4' PED B 8 0.99 -11.08 -2.64
C3' PED B 8 2.90 -12.47 -2.26
C1' PED B 8 3.66 -10.58 -3.50
O3' PED B 8 3.09 -12.93 -3.59
N GLY C 6 -9.07 8.39 29.65
CA GLY C 6 -9.84 9.28 28.74
C GLY C 6 -8.93 10.04 27.79
N SER C 7 -7.97 10.75 28.36
CA SER C 7 -7.02 11.52 27.56
C SER C 7 -5.78 10.68 27.22
N GLU C 8 -5.77 9.44 27.67
CA GLU C 8 -4.64 8.56 27.42
C GLU C 8 -5.10 7.45 26.47
N GLY C 9 -4.16 6.78 25.83
CA GLY C 9 -4.49 5.69 24.93
C GLY C 9 -5.05 6.09 23.58
N HIS C 10 -5.44 5.09 22.80
CA HIS C 10 -6.01 5.35 21.48
C HIS C 10 -7.41 5.90 21.62
N ARG C 11 -7.72 6.97 20.88
CA ARG C 11 -9.04 7.58 20.94
C ARG C 11 -10.05 6.78 20.11
N THR C 12 -11.33 7.00 20.40
CA THR C 12 -12.42 6.37 19.67
C THR C 12 -13.35 7.56 19.45
N LEU C 13 -14.19 7.48 18.42
CA LEU C 13 -15.11 8.57 18.11
C LEU C 13 -16.02 8.87 19.32
N ALA C 14 -16.47 7.80 19.97
CA ALA C 14 -17.36 7.90 21.11
C ALA C 14 -16.71 8.47 22.37
N SER C 15 -15.47 8.06 22.66
CA SER C 15 -14.79 8.51 23.88
C SER C 15 -14.27 9.95 23.87
N THR C 16 -13.83 10.44 22.72
CA THR C 16 -13.30 11.80 22.65
C THR C 16 -13.97 12.60 21.54
N PRO C 17 -15.30 12.71 21.59
CA PRO C 17 -16.14 13.43 20.63
C PRO C 17 -15.54 14.71 20.03
N ALA C 18 -15.20 15.65 20.90
CA ALA C 18 -14.63 16.92 20.47
C ALA C 18 -13.33 16.77 19.70
N LEU C 19 -12.78 15.55 19.67
CA LEU C 19 -11.53 15.34 18.99
C LEU C 19 -11.57 14.56 17.67
N TRP C 20 -12.57 14.85 16.83
CA TRP C 20 -12.66 14.20 15.53
C TRP C 20 -13.25 15.16 14.51
N ALA C 21 -12.74 15.12 13.29
CA ALA C 21 -13.25 15.95 12.21
C ALA C 21 -13.73 14.96 11.17
N SER C 22 -14.71 15.37 10.36
CA SER C 22 -15.24 14.48 9.35
C SER C 22 -14.91 14.91 7.94
N ILE C 23 -14.94 13.93 7.06
CA ILE C 23 -14.69 14.14 5.64
C ILE C 23 -15.86 13.41 4.99
N PRO C 24 -16.64 14.13 4.16
CA PRO C 24 -17.76 13.46 3.52
C PRO C 24 -17.21 12.30 2.69
N CYS C 25 -17.68 11.09 2.96
CA CYS C 25 -17.21 9.93 2.24
C CYS C 25 -18.10 8.72 2.51
N PRO C 26 -18.96 8.36 1.55
CA PRO C 26 -19.86 7.21 1.72
C PRO C 26 -19.06 5.92 1.71
N ARG C 27 -19.50 4.93 2.48
CA ARG C 27 -18.77 3.67 2.52
C ARG C 27 -18.67 3.04 1.15
N SER C 28 -19.52 3.50 0.24
CA SER C 28 -19.48 2.99 -1.13
C SER C 28 -18.22 3.45 -1.83
N GLU C 29 -17.62 4.54 -1.33
CA GLU C 29 -16.38 5.09 -1.88
C GLU C 29 -15.14 4.63 -1.12
N LEU C 30 -15.34 4.04 0.05
CA LEU C 30 -14.21 3.57 0.88
C LEU C 30 -14.62 2.69 2.05
N ARG C 31 -14.00 1.52 2.13
CA ARG C 31 -14.23 0.57 3.22
C ARG C 31 -12.86 0.31 3.85
N LEU C 32 -12.53 1.08 4.89
CA LEU C 32 -11.25 0.95 5.59
C LEU C 32 -10.86 -0.50 5.88
N ASP C 33 -11.82 -1.26 6.39
CA ASP C 33 -11.59 -2.65 6.73
C ASP C 33 -11.15 -3.49 5.52
N LEU C 34 -11.29 -2.94 4.31
CA LEU C 34 -10.89 -3.67 3.11
C LEU C 34 -9.65 -3.09 2.45
N VAL C 35 -9.34 -1.84 2.77
CA VAL C 35 -8.18 -1.17 2.20
C VAL C 35 -6.94 -1.25 3.10
N LEU C 36 -7.10 -0.86 4.37
CA LEU C 36 -5.98 -0.83 5.30
C LEU C 36 -5.25 -2.12 5.69
N PRO C 37 -5.92 -3.28 5.69
CA PRO C 37 -5.19 -4.52 6.06
C PRO C 37 -4.98 -5.46 4.87
N SER C 38 -5.22 -4.95 3.66
CA SER C 38 -5.15 -5.78 2.47
C SER C 38 -3.82 -5.86 1.73
N GLY C 39 -2.74 -5.45 2.36
CA GLY C 39 -1.46 -5.54 1.70
C GLY C 39 -1.08 -4.38 0.79
N GLN C 40 -1.70 -3.22 0.95
CA GLN C 40 -1.29 -2.07 0.14
C GLN C 40 -0.27 -1.39 1.05
N SER C 41 -0.71 -1.06 2.27
CA SER C 41 0.16 -0.46 3.29
C SER C 41 0.17 -1.43 4.46
N PHE C 42 1.31 -1.57 5.10
CA PHE C 42 1.38 -2.50 6.22
C PHE C 42 1.44 -1.81 7.57
N ARG C 43 1.08 -0.54 7.62
CA ARG C 43 1.19 0.18 8.89
C ARG C 43 -0.07 0.65 9.59
N TRP C 44 -1.18 -0.06 9.38
CA TRP C 44 -2.41 0.31 10.04
C TRP C 44 -2.90 -0.85 10.91
N ARG C 45 -3.34 -0.52 12.12
CA ARG C 45 -3.80 -1.54 13.04
C ARG C 45 -5.13 -1.11 13.61
N GLU C 46 -6.05 -2.07 13.70
CA GLU C 46 -7.36 -1.78 14.25
C GLU C 46 -7.22 -1.93 15.76
N GLN C 47 -6.59 -0.95 16.39
CA GLN C 47 -6.36 -0.99 17.83
C GLN C 47 -7.62 -1.15 18.66
N SER C 48 -8.74 -0.68 18.13
CA SER C 48 -10.03 -0.86 18.78
C SER C 48 -10.99 -1.10 17.62
N PRO C 49 -12.04 -1.89 17.86
CA PRO C 49 -13.02 -2.18 16.80
C PRO C 49 -13.43 -1.01 15.93
N ALA C 50 -13.27 -1.20 14.62
CA ALA C 50 -13.63 -0.21 13.61
C ALA C 50 -12.79 1.05 13.62
N HIS C 51 -11.72 1.07 14.40
CA HIS C 51 -10.83 2.23 14.46
C HIS C 51 -9.43 1.80 14.03
N TRP C 52 -8.88 2.49 13.04
CA TRP C 52 -7.57 2.14 12.54
C TRP C 52 -6.54 3.22 12.85
N SER C 53 -5.42 2.82 13.43
CA SER C 53 -4.39 3.77 13.78
C SER C 53 -3.12 3.53 12.96
N GLY C 54 -2.42 4.61 12.64
CA GLY C 54 -1.20 4.53 11.84
C GLY C 54 -0.55 5.87 11.58
N VAL C 55 0.58 5.87 10.89
CA VAL C 55 1.27 7.11 10.60
C VAL C 55 0.94 7.55 9.19
N LEU C 56 0.47 8.78 9.09
CA LEU C 56 0.08 9.36 7.82
C LEU C 56 0.69 10.75 7.77
N ALA C 57 1.62 10.95 6.83
CA ALA C 57 2.27 12.25 6.69
C ALA C 57 3.05 12.59 7.96
N ASP C 58 3.81 11.62 8.47
CA ASP C 58 4.64 11.81 9.65
C ASP C 58 3.90 12.19 10.94
N GLN C 59 2.60 11.89 10.98
CA GLN C 59 1.79 12.15 12.16
C GLN C 59 0.95 10.90 12.38
N VAL C 60 0.57 10.66 13.63
CA VAL C 60 -0.25 9.50 13.97
C VAL C 60 -1.74 9.86 13.89
N TRP C 61 -2.52 8.94 13.31
CA TRP C 61 -3.97 9.10 13.16
C TRP C 61 -4.74 7.86 13.53
N THR C 62 -6.02 8.05 13.81
CA THR C 62 -6.93 6.98 14.07
C THR C 62 -8.08 7.37 13.15
N LEU C 63 -8.62 6.40 12.43
CA LEU C 63 -9.69 6.69 11.48
C LEU C 63 -10.79 5.68 11.67
N THR C 64 -12.02 6.13 11.53
CA THR C 64 -13.16 5.25 11.69
C THR C 64 -14.23 5.85 10.79
N GLN C 65 -15.18 5.03 10.37
CA GLN C 65 -16.19 5.55 9.48
C GLN C 65 -17.62 5.16 9.79
N THR C 66 -18.54 6.05 9.49
CA THR C 66 -19.96 5.81 9.65
C THR C 66 -20.46 5.60 8.22
N GLU C 67 -21.76 5.35 8.05
CA GLU C 67 -22.29 5.12 6.71
C GLU C 67 -21.93 6.21 5.69
N GLU C 68 -21.88 7.46 6.12
CA GLU C 68 -21.57 8.53 5.19
C GLU C 68 -20.37 9.39 5.53
N GLN C 69 -19.75 9.14 6.68
CA GLN C 69 -18.60 9.94 7.08
C GLN C 69 -17.31 9.18 7.34
N LEU C 70 -16.19 9.86 7.12
CA LEU C 70 -14.87 9.30 7.41
C LEU C 70 -14.36 10.17 8.56
N HIS C 71 -14.36 9.61 9.77
CA HIS C 71 -13.92 10.36 10.93
C HIS C 71 -12.41 10.30 11.16
N CYS C 72 -11.81 11.46 11.38
CA CYS C 72 -10.38 11.55 11.55
C CYS C 72 -9.95 12.26 12.83
N THR C 73 -8.84 11.80 13.42
CA THR C 73 -8.29 12.40 14.62
C THR C 73 -6.75 12.31 14.59
N VAL C 74 -6.07 13.41 14.94
CA VAL C 74 -4.62 13.45 14.91
C VAL C 74 -3.99 13.66 16.29
N TYR C 75 -2.82 13.04 16.48
CA TYR C 75 -2.06 13.17 17.72
C TYR C 75 -0.76 13.82 17.30
N ARG C 76 -0.54 15.05 17.74
CA ARG C 76 0.66 15.79 17.37
C ARG C 76 1.74 15.77 18.45
N SER C 80 1.04 22.38 22.04
CA SER C 80 0.86 20.97 21.70
C SER C 80 -0.44 20.43 22.29
N GLN C 81 -1.36 21.32 22.65
CA GLN C 81 -2.64 20.92 23.25
C GLN C 81 -3.59 20.25 22.25
N ALA C 82 -4.07 19.07 22.63
CA ALA C 82 -4.98 18.27 21.82
C ALA C 82 -6.11 19.08 21.19
N SER C 83 -6.11 19.18 19.86
CA SER C 83 -7.15 19.91 19.14
C SER C 83 -7.72 19.05 18.04
N ARG C 84 -8.46 19.67 17.12
CA ARG C 84 -9.06 18.96 16.00
C ARG C 84 -8.21 19.00 14.75
N PRO C 85 -8.39 18.02 13.86
CA PRO C 85 -7.56 18.08 12.66
C PRO C 85 -8.00 19.32 11.92
N THR C 86 -7.04 20.09 11.41
CA THR C 86 -7.37 21.30 10.68
C THR C 86 -7.83 20.88 9.29
N PRO C 87 -8.49 21.77 8.55
CA PRO C 87 -8.92 21.39 7.20
C PRO C 87 -7.70 21.08 6.33
N ASP C 88 -6.55 21.62 6.72
CA ASP C 88 -5.31 21.39 5.97
C ASP C 88 -4.79 19.97 6.21
N GLU C 89 -4.83 19.54 7.47
CA GLU C 89 -4.38 18.20 7.85
C GLU C 89 -5.32 17.17 7.25
N LEU C 90 -6.61 17.50 7.21
CA LEU C 90 -7.60 16.60 6.65
C LEU C 90 -7.31 16.42 5.16
N GLU C 91 -6.78 17.47 4.54
CA GLU C 91 -6.46 17.42 3.13
C GLU C 91 -5.40 16.34 2.90
N ALA C 92 -4.53 16.15 3.89
CA ALA C 92 -3.49 15.14 3.77
C ALA C 92 -4.15 13.77 3.72
N VAL C 93 -5.25 13.63 4.44
CA VAL C 93 -5.98 12.36 4.47
C VAL C 93 -6.64 12.13 3.12
N ARG C 94 -7.24 13.19 2.56
CA ARG C 94 -7.89 13.09 1.27
C ARG C 94 -6.91 12.63 0.19
N LYS C 95 -5.69 13.15 0.24
CA LYS C 95 -4.69 12.76 -0.75
C LYS C 95 -4.22 11.32 -0.55
N TYR C 96 -4.09 10.88 0.71
CA TYR C 96 -3.65 9.51 0.98
C TYR C 96 -4.61 8.50 0.36
N PHE C 97 -5.92 8.74 0.52
CA PHE C 97 -6.94 7.85 -0.05
C PHE C 97 -7.39 8.28 -1.45
N GLN C 98 -6.66 9.23 -2.05
CA GLN C 98 -6.97 9.74 -3.40
C GLN C 98 -8.49 9.89 -3.56
N LEU C 99 -9.13 10.59 -2.63
CA LEU C 99 -10.57 10.77 -2.65
C LEU C 99 -11.17 11.52 -3.83
N ASP C 100 -10.34 12.15 -4.65
CA ASP C 100 -10.85 12.86 -5.82
C ASP C 100 -11.31 11.86 -6.86
N VAL C 101 -10.65 10.71 -6.90
CA VAL C 101 -11.01 9.67 -7.84
C VAL C 101 -12.34 9.07 -7.35
N THR C 102 -13.36 9.08 -8.21
CA THR C 102 -14.67 8.53 -7.86
C THR C 102 -14.68 7.03 -8.06
N LEU C 103 -14.70 6.29 -6.96
CA LEU C 103 -14.69 4.84 -7.03
C LEU C 103 -15.90 4.28 -7.77
N ALA C 104 -17.06 4.91 -7.60
CA ALA C 104 -18.28 4.45 -8.28
C ALA C 104 -18.19 4.50 -9.82
N GLN C 105 -17.43 5.47 -10.36
CA GLN C 105 -17.29 5.59 -11.80
C GLN C 105 -16.41 4.46 -12.34
N LEU C 106 -15.33 4.17 -11.62
CA LEU C 106 -14.44 3.11 -12.04
C LEU C 106 -15.14 1.76 -11.96
N TYR C 107 -15.82 1.51 -10.82
CA TYR C 107 -16.53 0.25 -10.65
C TYR C 107 -17.53 0.05 -11.76
N HIS C 108 -18.25 1.12 -12.07
CA HIS C 108 -19.27 1.07 -13.14
C HIS C 108 -18.60 0.59 -14.42
N HIS C 109 -17.55 1.29 -14.82
CA HIS C 109 -16.82 0.93 -16.03
C HIS C 109 -16.33 -0.52 -16.00
N TRP C 110 -15.53 -0.89 -15.00
CA TRP C 110 -15.02 -2.25 -14.93
C TRP C 110 -16.14 -3.27 -15.00
N GLY C 111 -17.20 -3.05 -14.24
CA GLY C 111 -18.31 -3.98 -14.27
C GLY C 111 -18.95 -4.07 -15.64
N SER C 112 -18.99 -2.95 -16.35
CA SER C 112 -19.58 -2.89 -17.68
C SER C 112 -18.82 -3.77 -18.66
N VAL C 113 -17.50 -3.70 -18.58
CA VAL C 113 -16.63 -4.45 -19.47
C VAL C 113 -16.26 -5.84 -18.98
N ASP C 114 -16.54 -6.14 -17.71
CA ASP C 114 -16.19 -7.45 -17.18
C ASP C 114 -17.28 -7.99 -16.26
N SER C 115 -18.13 -8.85 -16.83
CA SER C 115 -19.23 -9.45 -16.09
C SER C 115 -18.79 -10.05 -14.75
N HIS C 116 -17.67 -10.75 -14.73
CA HIS C 116 -17.20 -11.35 -13.49
C HIS C 116 -16.84 -10.30 -12.45
N PHE C 117 -16.22 -9.20 -12.90
CA PHE C 117 -15.86 -8.14 -11.98
C PHE C 117 -17.16 -7.62 -11.39
N GLN C 118 -18.11 -7.33 -12.26
CA GLN C 118 -19.42 -6.85 -11.84
C GLN C 118 -19.95 -7.72 -10.69
N GLU C 119 -19.97 -9.03 -10.94
CA GLU C 119 -20.45 -9.99 -9.96
C GLU C 119 -19.72 -9.92 -8.61
N VAL C 120 -18.40 -9.79 -8.64
CA VAL C 120 -17.61 -9.72 -7.42
C VAL C 120 -17.65 -8.35 -6.74
N ALA C 121 -17.58 -7.29 -7.54
CA ALA C 121 -17.61 -5.92 -7.05
C ALA C 121 -18.85 -5.58 -6.22
N GLN C 122 -19.94 -6.30 -6.47
CA GLN C 122 -21.20 -6.09 -5.74
C GLN C 122 -21.05 -6.31 -4.24
N LYS C 123 -20.22 -7.27 -3.85
CA LYS C 123 -20.02 -7.58 -2.43
C LYS C 123 -18.81 -6.86 -1.81
N PHE C 124 -17.91 -6.37 -2.65
CA PHE C 124 -16.71 -5.70 -2.14
C PHE C 124 -16.49 -4.28 -2.63
N GLN C 125 -17.36 -3.37 -2.26
CA GLN C 125 -17.18 -1.98 -2.68
C GLN C 125 -16.27 -1.23 -1.72
N GLY C 126 -15.85 -0.06 -2.14
CA GLY C 126 -15.00 0.75 -1.30
C GLY C 126 -13.53 0.37 -1.32
N VAL C 127 -13.10 -0.44 -2.28
CA VAL C 127 -11.69 -0.81 -2.36
C VAL C 127 -11.00 0.15 -3.33
N ARG C 128 -10.19 1.05 -2.78
CA ARG C 128 -9.46 2.03 -3.59
C ARG C 128 -7.97 1.91 -3.28
N LEU C 129 -7.13 2.60 -4.04
CA LEU C 129 -5.68 2.56 -3.83
C LEU C 129 -5.18 3.74 -3.01
N LEU C 130 -4.32 3.45 -2.03
CA LEU C 130 -3.74 4.50 -1.22
C LEU C 130 -2.62 5.12 -2.07
N ARG C 131 -2.36 6.42 -1.90
CA ARG C 131 -1.27 7.07 -2.61
C ARG C 131 -0.14 7.11 -1.57
N GLN C 132 0.77 6.14 -1.65
CA GLN C 132 1.86 6.01 -0.70
C GLN C 132 3.17 6.75 -1.00
N ASP C 133 4.05 6.75 -0.01
CA ASP C 133 5.36 7.38 -0.09
C ASP C 133 6.31 6.40 -0.79
N PRO C 134 7.08 6.90 -1.75
CA PRO C 134 8.02 6.06 -2.50
C PRO C 134 8.97 5.23 -1.66
N ILE C 135 9.62 5.85 -0.69
CA ILE C 135 10.56 5.12 0.15
C ILE C 135 9.87 4.05 0.97
N GLU C 136 8.80 4.43 1.67
CA GLU C 136 8.09 3.46 2.48
C GLU C 136 7.60 2.30 1.60
N CYS C 137 7.01 2.64 0.48
CA CYS C 137 6.48 1.65 -0.44
C CYS C 137 7.58 0.72 -0.96
N LEU C 138 8.70 1.29 -1.35
CA LEU C 138 9.83 0.51 -1.87
C LEU C 138 10.33 -0.57 -0.92
N PHE C 139 10.66 -0.17 0.30
CA PHE C 139 11.18 -1.13 1.26
C PHE C 139 10.12 -2.03 1.87
N SER C 140 8.90 -1.55 1.98
CA SER C 140 7.83 -2.38 2.52
C SER C 140 7.65 -3.55 1.56
N PHE C 141 7.60 -3.26 0.27
CA PHE C 141 7.41 -4.34 -0.68
C PHE C 141 8.64 -5.16 -0.94
N ILE C 142 9.81 -4.62 -0.61
CA ILE C 142 11.02 -5.40 -0.76
C ILE C 142 10.87 -6.49 0.29
N CYS C 143 10.20 -6.14 1.38
CA CYS C 143 9.93 -7.07 2.48
C CYS C 143 8.80 -8.04 2.14
N SER C 144 7.98 -7.69 1.15
CA SER C 144 6.82 -8.51 0.77
C SER C 144 7.03 -9.78 -0.05
N SER C 145 8.13 -9.88 -0.79
CA SER C 145 8.35 -11.04 -1.63
C SER C 145 8.45 -12.40 -0.94
N ASN C 146 7.82 -13.40 -1.55
CA ASN C 146 7.83 -14.77 -1.02
C ASN C 146 7.52 -14.71 0.47
N ASN C 147 6.46 -13.99 0.79
CA ASN C 147 6.07 -13.78 2.18
C ASN C 147 4.55 -13.53 2.30
N ASN C 148 4.04 -13.64 3.52
CA ASN C 148 2.62 -13.43 3.81
C ASN C 148 2.40 -12.11 4.55
N ILE C 149 1.26 -11.47 4.30
CA ILE C 149 0.93 -10.18 4.91
C ILE C 149 1.15 -10.09 6.42
N ALA C 150 0.86 -11.17 7.14
CA ALA C 150 1.06 -11.16 8.59
C ALA C 150 2.53 -10.92 8.94
N ARG C 151 3.43 -11.72 8.38
CA ARG C 151 4.86 -11.55 8.64
C ARG C 151 5.33 -10.18 8.16
N ILE C 152 5.06 -9.87 6.89
CA ILE C 152 5.47 -8.60 6.33
C ILE C 152 5.14 -7.45 7.27
N THR C 153 3.92 -7.46 7.81
CA THR C 153 3.47 -6.42 8.72
C THR C 153 4.38 -6.32 9.94
N GLY C 154 4.71 -7.47 10.52
CA GLY C 154 5.58 -7.48 11.69
C GLY C 154 6.98 -7.00 11.35
N MET C 155 7.50 -7.51 10.24
CA MET C 155 8.83 -7.14 9.77
C MET C 155 8.91 -5.64 9.56
N VAL C 156 7.91 -5.07 8.91
CA VAL C 156 7.89 -3.63 8.67
C VAL C 156 7.82 -2.82 9.96
N GLU C 157 7.18 -3.37 10.98
CA GLU C 157 7.08 -2.66 12.24
C GLU C 157 8.43 -2.63 12.93
N ARG C 158 9.07 -3.79 13.07
CA ARG C 158 10.36 -3.86 13.73
C ARG C 158 11.37 -2.96 13.02
N LEU C 159 11.30 -2.96 11.68
CA LEU C 159 12.18 -2.13 10.87
C LEU C 159 12.04 -0.65 11.19
N CYS C 160 10.80 -0.17 11.28
CA CYS C 160 10.56 1.24 11.58
C CYS C 160 10.96 1.60 13.00
N GLN C 161 10.74 0.66 13.91
CA GLN C 161 11.04 0.87 15.31
C GLN C 161 12.55 0.93 15.56
N ALA C 162 13.31 0.18 14.75
CA ALA C 162 14.76 0.14 14.88
C ALA C 162 15.47 1.29 14.15
N PHE C 163 14.95 1.71 13.01
CA PHE C 163 15.62 2.78 12.26
C PHE C 163 14.81 4.02 11.96
N GLY C 164 13.55 4.02 12.37
CA GLY C 164 12.69 5.17 12.10
C GLY C 164 12.53 6.09 13.28
N PRO C 165 12.26 7.38 13.04
CA PRO C 165 12.07 8.38 14.10
C PRO C 165 10.92 8.00 15.00
N ARG C 166 11.08 8.25 16.28
CA ARG C 166 10.05 7.96 17.26
C ARG C 166 9.06 9.11 17.20
N LEU C 167 7.78 8.80 17.06
CA LEU C 167 6.79 9.83 16.98
C LEU C 167 6.05 10.10 18.31
N ILE C 168 5.09 9.25 18.66
CA ILE C 168 4.37 9.43 19.91
C ILE C 168 3.98 8.05 20.46
N GLN C 169 3.47 8.02 21.69
CA GLN C 169 3.11 6.76 22.30
C GLN C 169 1.68 6.70 22.80
N LEU C 170 0.94 5.70 22.35
CA LEU C 170 -0.44 5.51 22.75
C LEU C 170 -0.47 4.16 23.43
N ASP C 171 -0.96 4.14 24.66
CA ASP C 171 -1.00 2.90 25.45
C ASP C 171 0.43 2.37 25.47
N ASP C 172 0.63 1.11 25.08
CA ASP C 172 1.98 0.55 25.05
C ASP C 172 2.51 0.45 23.61
N VAL C 173 1.95 1.27 22.71
CA VAL C 173 2.39 1.26 21.32
C VAL C 173 3.16 2.54 21.02
N THR C 174 4.41 2.39 20.60
CA THR C 174 5.23 3.53 20.24
C THR C 174 5.30 3.57 18.71
N TYR C 175 4.73 4.62 18.13
CA TYR C 175 4.74 4.77 16.68
C TYR C 175 6.05 5.36 16.19
N HIS C 176 6.48 4.87 15.04
CA HIS C 176 7.71 5.36 14.45
C HIS C 176 7.45 5.79 13.02
N GLY C 177 8.23 6.77 12.57
CA GLY C 177 8.09 7.21 11.20
C GLY C 177 8.86 6.16 10.41
N PHE C 178 8.70 6.15 9.09
CA PHE C 178 9.41 5.18 8.26
C PHE C 178 10.89 5.57 8.15
N PRO C 179 11.80 4.58 8.19
CA PRO C 179 13.24 4.85 8.09
C PRO C 179 13.63 5.69 6.88
N SER C 180 14.68 6.47 7.02
CA SER C 180 15.14 7.29 5.92
C SER C 180 16.14 6.48 5.10
N LEU C 181 16.45 6.96 3.90
CA LEU C 181 17.41 6.31 3.03
C LEU C 181 18.78 6.23 3.74
N GLN C 182 19.21 7.36 4.30
CA GLN C 182 20.49 7.41 5.00
C GLN C 182 20.54 6.42 6.14
N ALA C 183 19.46 6.31 6.90
CA ALA C 183 19.44 5.36 8.02
C ALA C 183 19.53 3.93 7.50
N LEU C 184 18.70 3.60 6.51
CA LEU C 184 18.70 2.26 5.94
C LEU C 184 20.04 1.92 5.28
N ALA C 185 20.79 2.93 4.86
CA ALA C 185 22.08 2.69 4.23
C ALA C 185 23.20 2.57 5.29
N GLY C 186 22.83 2.78 6.55
CA GLY C 186 23.82 2.72 7.62
C GLY C 186 24.65 1.46 7.73
N PRO C 187 25.68 1.47 8.59
CA PRO C 187 26.55 0.31 8.77
C PRO C 187 25.91 -0.75 9.66
N GLU C 188 26.06 -2.00 9.27
CA GLU C 188 25.51 -3.13 10.03
C GLU C 188 23.99 -3.15 10.07
N VAL C 189 23.35 -2.49 9.10
CA VAL C 189 21.88 -2.48 9.05
C VAL C 189 21.36 -3.87 8.72
N GLU C 190 22.02 -4.56 7.78
CA GLU C 190 21.60 -5.90 7.38
C GLU C 190 21.68 -6.85 8.57
N ALA C 191 22.81 -6.79 9.27
CA ALA C 191 23.01 -7.63 10.43
C ALA C 191 21.88 -7.42 11.41
N HIS C 192 21.56 -6.16 11.67
CA HIS C 192 20.50 -5.81 12.61
C HIS C 192 19.17 -6.39 12.12
N LEU C 193 18.83 -6.08 10.87
CA LEU C 193 17.59 -6.57 10.27
C LEU C 193 17.43 -8.10 10.32
N ARG C 194 18.54 -8.82 10.25
CA ARG C 194 18.48 -10.28 10.33
C ARG C 194 18.07 -10.74 11.72
N LYS C 195 18.67 -10.15 12.75
CA LYS C 195 18.29 -10.50 14.12
C LYS C 195 16.84 -10.09 14.35
N LEU C 196 16.32 -9.26 13.45
CA LEU C 196 14.93 -8.80 13.53
C LEU C 196 14.04 -9.72 12.72
N GLY C 197 14.66 -10.73 12.10
CA GLY C 197 13.93 -11.71 11.31
C GLY C 197 13.41 -11.31 9.94
N LEU C 198 14.15 -10.52 9.18
CA LEU C 198 13.69 -10.14 7.84
C LEU C 198 14.18 -11.18 6.84
N GLY C 199 14.93 -12.15 7.36
CA GLY C 199 15.45 -13.20 6.50
C GLY C 199 16.45 -12.62 5.52
N TYR C 200 16.57 -13.28 4.37
CA TYR C 200 17.50 -12.83 3.34
C TYR C 200 17.18 -11.43 2.82
N ARG C 201 15.94 -10.97 3.02
CA ARG C 201 15.55 -9.64 2.55
C ARG C 201 16.34 -8.56 3.28
N ALA C 202 16.95 -8.92 4.39
CA ALA C 202 17.74 -7.98 5.17
C ALA C 202 18.79 -7.36 4.25
N ARG C 203 19.41 -8.18 3.42
CA ARG C 203 20.43 -7.70 2.49
C ARG C 203 19.83 -6.78 1.43
N TYR C 204 18.67 -7.16 0.89
CA TYR C 204 18.01 -6.33 -0.12
C TYR C 204 17.79 -4.91 0.41
N VAL C 205 17.27 -4.81 1.62
CA VAL C 205 17.00 -3.50 2.22
C VAL C 205 18.26 -2.63 2.26
N SER C 206 19.32 -3.19 2.81
CA SER C 206 20.58 -2.48 2.91
C SER C 206 21.12 -2.13 1.53
N ALA C 207 21.28 -3.14 0.68
CA ALA C 207 21.79 -2.96 -0.67
C ALA C 207 21.04 -1.94 -1.52
N SER C 208 19.72 -1.94 -1.45
CA SER C 208 18.93 -0.99 -2.23
C SER C 208 18.98 0.42 -1.69
N ALA C 209 19.17 0.55 -0.37
CA ALA C 209 19.27 1.87 0.23
C ALA C 209 20.60 2.44 -0.22
N ARG C 210 21.64 1.60 -0.16
CA ARG C 210 22.98 2.01 -0.57
C ARG C 210 23.00 2.35 -2.06
N ALA C 211 22.51 1.43 -2.89
CA ALA C 211 22.48 1.61 -4.33
C ALA C 211 21.78 2.90 -4.76
N ILE C 212 20.67 3.22 -4.10
CA ILE C 212 19.92 4.43 -4.43
C ILE C 212 20.69 5.68 -4.09
N LEU C 213 21.27 5.68 -2.90
CA LEU C 213 22.01 6.81 -2.39
C LEU C 213 23.40 6.96 -3.01
N GLU C 214 24.06 5.85 -3.30
CA GLU C 214 25.41 5.88 -3.84
C GLU C 214 25.61 5.60 -5.34
N GLU C 215 24.55 5.19 -6.05
CA GLU C 215 24.69 4.90 -7.46
C GLU C 215 23.63 5.50 -8.38
N GLN C 216 22.46 5.82 -7.84
CA GLN C 216 21.39 6.35 -8.69
C GLN C 216 21.05 7.82 -8.54
N GLY C 217 21.62 8.48 -7.53
CA GLY C 217 21.33 9.88 -7.35
C GLY C 217 20.39 10.19 -6.21
N GLY C 218 20.26 9.25 -5.27
CA GLY C 218 19.41 9.46 -4.12
C GLY C 218 17.92 9.64 -4.31
N LEU C 219 17.26 10.09 -3.25
CA LEU C 219 15.82 10.31 -3.21
C LEU C 219 15.22 10.97 -4.46
N ALA C 220 15.91 11.99 -4.98
CA ALA C 220 15.43 12.69 -6.18
C ALA C 220 15.19 11.74 -7.36
N TRP C 221 16.07 10.74 -7.49
CA TRP C 221 15.97 9.76 -8.56
C TRP C 221 14.62 9.03 -8.48
N LEU C 222 14.26 8.63 -7.27
CA LEU C 222 13.02 7.91 -7.02
C LEU C 222 11.79 8.78 -7.23
N GLN C 223 11.76 9.92 -6.55
CA GLN C 223 10.64 10.84 -6.66
C GLN C 223 10.41 11.28 -8.10
N GLN C 224 11.48 11.27 -8.89
CA GLN C 224 11.41 11.68 -10.28
C GLN C 224 10.59 10.70 -11.11
N LEU C 225 10.61 9.44 -10.72
CA LEU C 225 9.87 8.40 -11.43
C LEU C 225 8.36 8.65 -11.49
N ARG C 226 7.85 9.51 -10.61
CA ARG C 226 6.42 9.81 -10.62
C ARG C 226 6.01 10.55 -11.88
N GLU C 227 6.91 11.36 -12.42
CA GLU C 227 6.62 12.09 -13.65
C GLU C 227 6.97 11.24 -14.88
N SER C 228 7.80 10.23 -14.66
CA SER C 228 8.24 9.32 -15.72
C SER C 228 7.10 8.41 -16.18
N SER C 229 7.35 7.65 -17.25
CA SER C 229 6.35 6.74 -17.79
C SER C 229 6.38 5.44 -17.01
N TYR C 230 5.23 4.76 -16.98
CA TYR C 230 5.12 3.49 -16.28
C TYR C 230 6.21 2.53 -16.72
N GLU C 231 6.39 2.38 -18.03
CA GLU C 231 7.39 1.45 -18.57
C GLU C 231 8.79 1.87 -18.17
N GLU C 232 9.01 3.17 -18.10
CA GLU C 232 10.30 3.71 -17.71
C GLU C 232 10.50 3.39 -16.23
N ALA C 233 9.55 3.84 -15.41
CA ALA C 233 9.58 3.64 -13.96
C ALA C 233 9.78 2.18 -13.56
N HIS C 234 8.96 1.29 -14.11
CA HIS C 234 9.10 -0.12 -13.77
C HIS C 234 10.50 -0.62 -14.13
N LYS C 235 10.99 -0.17 -15.28
CA LYS C 235 12.33 -0.55 -15.76
C LYS C 235 13.41 -0.10 -14.78
N ALA C 236 13.32 1.16 -14.36
CA ALA C 236 14.29 1.73 -13.43
C ALA C 236 14.34 0.95 -12.11
N LEU C 237 13.17 0.72 -11.51
CA LEU C 237 13.07 0.00 -10.23
C LEU C 237 13.66 -1.40 -10.25
N CYS C 238 13.53 -2.11 -11.37
CA CYS C 238 14.06 -3.48 -11.48
C CYS C 238 15.56 -3.54 -11.18
N ILE C 239 16.22 -2.41 -11.38
CA ILE C 239 17.65 -2.22 -11.14
C ILE C 239 18.02 -2.55 -9.69
N LEU C 240 17.22 -2.01 -8.77
CA LEU C 240 17.42 -2.20 -7.33
C LEU C 240 17.32 -3.65 -6.86
N PRO C 241 18.17 -4.04 -5.89
CA PRO C 241 18.26 -5.37 -5.28
C PRO C 241 16.95 -5.73 -4.55
N GLY C 242 16.47 -6.95 -4.78
CA GLY C 242 15.25 -7.40 -4.14
C GLY C 242 14.00 -6.86 -4.82
N VAL C 243 14.17 -6.13 -5.92
CA VAL C 243 13.03 -5.58 -6.65
C VAL C 243 12.81 -6.25 -7.99
N GLY C 244 11.95 -7.28 -8.03
CA GLY C 244 11.66 -7.96 -9.27
C GLY C 244 10.46 -7.33 -9.96
N THR C 245 9.87 -8.06 -10.90
CA THR C 245 8.72 -7.56 -11.65
C THR C 245 7.52 -7.17 -10.78
N LYS C 246 7.19 -8.02 -9.81
CA LYS C 246 6.05 -7.74 -8.95
C LYS C 246 6.27 -6.52 -8.03
N VAL C 247 7.38 -6.54 -7.29
CA VAL C 247 7.68 -5.45 -6.38
C VAL C 247 7.68 -4.13 -7.14
N ALA C 248 8.29 -4.13 -8.32
CA ALA C 248 8.36 -2.94 -9.15
C ALA C 248 6.96 -2.45 -9.49
N ASP C 249 6.08 -3.38 -9.88
CA ASP C 249 4.71 -3.04 -10.22
C ASP C 249 3.97 -2.49 -9.00
N CYS C 250 4.17 -3.11 -7.84
CA CYS C 250 3.53 -2.66 -6.61
C CYS C 250 3.90 -1.20 -6.37
N ILE C 251 5.18 -0.88 -6.50
CA ILE C 251 5.65 0.47 -6.30
C ILE C 251 5.06 1.44 -7.32
N CYS C 252 5.04 1.07 -8.60
CA CYS C 252 4.48 1.96 -9.62
C CYS C 252 3.02 2.26 -9.34
N LEU C 253 2.27 1.21 -8.99
CA LEU C 253 0.84 1.35 -8.73
C LEU C 253 0.51 2.13 -7.48
N MET C 254 1.15 1.76 -6.37
CA MET C 254 0.86 2.38 -5.10
C MET C 254 1.68 3.59 -4.68
N ALA C 255 2.77 3.88 -5.37
CA ALA C 255 3.57 5.06 -5.01
C ALA C 255 3.96 5.98 -6.17
N LEU C 256 3.90 5.49 -7.40
CA LEU C 256 4.30 6.31 -8.53
C LEU C 256 3.19 6.80 -9.47
N ASP C 257 1.95 6.72 -9.03
CA ASP C 257 0.82 7.16 -9.84
C ASP C 257 0.71 6.46 -11.19
N LYS C 258 1.09 5.18 -11.23
CA LYS C 258 1.00 4.37 -12.45
C LYS C 258 -0.22 3.46 -12.22
N PRO C 259 -1.44 4.01 -12.35
CA PRO C 259 -2.67 3.25 -12.14
C PRO C 259 -2.94 2.02 -13.02
N GLN C 260 -2.16 1.84 -14.09
CA GLN C 260 -2.37 0.68 -14.96
C GLN C 260 -1.38 -0.43 -14.61
N ALA C 261 -0.52 -0.18 -13.64
CA ALA C 261 0.45 -1.19 -13.23
C ALA C 261 -0.32 -2.28 -12.50
N VAL C 262 -0.09 -3.54 -12.87
CA VAL C 262 -0.77 -4.69 -12.27
C VAL C 262 0.22 -5.70 -11.69
N PRO C 263 0.35 -5.74 -10.36
CA PRO C 263 1.29 -6.69 -9.75
C PRO C 263 0.82 -8.14 -9.90
N VAL C 264 1.59 -8.94 -10.60
CA VAL C 264 1.24 -10.35 -10.81
C VAL C 264 1.90 -11.26 -9.79
N ASP C 265 1.09 -11.74 -8.85
CA ASP C 265 1.55 -12.64 -7.80
C ASP C 265 0.79 -13.95 -7.87
N VAL C 266 0.93 -14.77 -6.84
CA VAL C 266 0.24 -16.05 -6.79
C VAL C 266 -1.27 -15.82 -6.84
N HIS C 267 -1.73 -14.78 -6.15
CA HIS C 267 -3.15 -14.46 -6.11
C HIS C 267 -3.72 -14.18 -7.50
N MET C 268 -3.11 -13.26 -8.23
CA MET C 268 -3.60 -12.93 -9.55
C MET C 268 -3.56 -14.09 -10.55
N TRP C 269 -2.67 -15.05 -10.33
CA TRP C 269 -2.58 -16.22 -11.21
C TRP C 269 -3.78 -17.12 -10.95
N HIS C 270 -4.12 -17.26 -9.68
CA HIS C 270 -5.25 -18.09 -9.28
C HIS C 270 -6.51 -17.50 -9.89
N ILE C 271 -6.71 -16.21 -9.62
CA ILE C 271 -7.86 -15.48 -10.12
C ILE C 271 -7.99 -15.63 -11.64
N ALA C 272 -6.91 -15.38 -12.36
CA ALA C 272 -6.88 -15.48 -13.81
C ALA C 272 -7.31 -16.87 -14.30
N GLN C 273 -6.75 -17.91 -13.70
CA GLN C 273 -7.05 -19.28 -14.09
C GLN C 273 -8.47 -19.73 -13.72
N ARG C 274 -8.88 -19.42 -12.51
CA ARG C 274 -10.19 -19.82 -12.00
C ARG C 274 -11.36 -18.96 -12.49
N ASP C 275 -11.14 -17.66 -12.58
CA ASP C 275 -12.21 -16.75 -12.96
C ASP C 275 -12.26 -16.30 -14.41
N TYR C 276 -11.21 -16.54 -15.18
CA TYR C 276 -11.23 -16.15 -16.58
C TYR C 276 -10.71 -17.28 -17.47
N SER C 277 -10.36 -18.41 -16.87
CA SER C 277 -9.87 -19.54 -17.64
C SER C 277 -8.69 -19.12 -18.52
N TRP C 278 -7.85 -18.22 -18.00
CA TRP C 278 -6.70 -17.73 -18.73
C TRP C 278 -5.51 -18.70 -18.84
N HIS C 279 -4.82 -18.62 -19.97
CA HIS C 279 -3.63 -19.44 -20.25
C HIS C 279 -2.69 -18.59 -21.07
N PRO C 280 -1.39 -18.69 -20.80
CA PRO C 280 -0.42 -17.90 -21.57
C PRO C 280 -0.57 -18.26 -23.06
N THR C 281 -0.49 -17.27 -23.94
CA THR C 281 -0.59 -17.55 -25.37
C THR C 281 0.70 -17.28 -26.13
N THR C 282 1.37 -16.18 -25.78
CA THR C 282 2.62 -15.82 -26.43
C THR C 282 3.81 -16.42 -25.70
N SER C 283 3.55 -17.35 -24.80
CA SER C 283 4.61 -17.99 -24.04
C SER C 283 4.45 -19.50 -24.09
N GLN C 284 5.58 -20.20 -23.97
CA GLN C 284 5.60 -21.65 -24.01
C GLN C 284 5.37 -22.28 -22.64
N ALA C 285 5.73 -21.54 -21.59
CA ALA C 285 5.55 -22.02 -20.22
C ALA C 285 4.07 -21.88 -19.87
N LYS C 286 3.57 -22.80 -19.04
CA LYS C 286 2.17 -22.73 -18.62
C LYS C 286 2.01 -22.20 -17.20
N GLY C 287 3.14 -21.95 -16.54
CA GLY C 287 3.11 -21.45 -15.19
C GLY C 287 3.81 -20.10 -15.04
N PRO C 288 3.89 -19.57 -13.81
CA PRO C 288 4.55 -18.27 -13.59
C PRO C 288 5.99 -18.29 -14.08
N SER C 289 6.34 -17.31 -14.89
CA SER C 289 7.68 -17.19 -15.44
C SER C 289 7.80 -15.72 -15.79
N PRO C 290 9.03 -15.22 -15.98
CA PRO C 290 9.07 -13.80 -16.31
C PRO C 290 8.24 -13.44 -17.56
N GLN C 291 8.17 -14.36 -18.51
CA GLN C 291 7.41 -14.12 -19.74
C GLN C 291 5.91 -14.12 -19.48
N THR C 292 5.39 -15.23 -18.94
CA THR C 292 3.96 -15.36 -18.67
C THR C 292 3.43 -14.33 -17.67
N ASN C 293 4.28 -13.91 -16.73
CA ASN C 293 3.84 -12.91 -15.74
C ASN C 293 3.64 -11.57 -16.43
N LYS C 294 4.49 -11.29 -17.42
CA LYS C 294 4.39 -10.05 -18.14
C LYS C 294 3.12 -10.10 -18.99
N GLU C 295 2.86 -11.26 -19.58
CA GLU C 295 1.68 -11.43 -20.42
C GLU C 295 0.39 -11.28 -19.62
N LEU C 296 0.34 -11.94 -18.46
CA LEU C 296 -0.85 -11.86 -17.61
C LEU C 296 -1.13 -10.41 -17.28
N GLY C 297 -0.07 -9.65 -17.00
CA GLY C 297 -0.21 -8.25 -16.67
C GLY C 297 -0.86 -7.50 -17.81
N ASN C 298 -0.44 -7.84 -19.04
CA ASN C 298 -1.02 -7.19 -20.22
C ASN C 298 -2.48 -7.59 -20.37
N PHE C 299 -2.77 -8.84 -20.05
CA PHE C 299 -4.13 -9.35 -20.14
C PHE C 299 -5.10 -8.53 -19.28
N PHE C 300 -4.74 -8.29 -18.03
CA PHE C 300 -5.62 -7.52 -17.15
C PHE C 300 -5.74 -6.07 -17.59
N ARG C 301 -4.66 -5.50 -18.11
CA ARG C 301 -4.74 -4.12 -18.57
C ARG C 301 -5.70 -4.05 -19.75
N SER C 302 -5.58 -5.00 -20.66
CA SER C 302 -6.45 -5.03 -21.82
C SER C 302 -7.90 -5.27 -21.40
N LEU C 303 -8.09 -5.89 -20.25
CA LEU C 303 -9.42 -6.18 -19.74
C LEU C 303 -10.06 -4.99 -19.03
N TRP C 304 -9.35 -4.37 -18.08
CA TRP C 304 -9.91 -3.27 -17.31
C TRP C 304 -9.52 -1.86 -17.75
N GLY C 305 -8.47 -1.74 -18.54
CA GLY C 305 -8.08 -0.42 -19.02
C GLY C 305 -6.96 0.29 -18.28
N PRO C 306 -6.96 1.64 -18.32
CA PRO C 306 -5.97 2.53 -17.68
C PRO C 306 -5.82 2.37 -16.17
N TYR C 307 -6.88 1.92 -15.50
CA TYR C 307 -6.86 1.73 -14.04
C TYR C 307 -6.86 0.27 -13.65
N ALA C 308 -6.28 -0.56 -14.51
CA ALA C 308 -6.20 -1.99 -14.27
C ALA C 308 -5.65 -2.30 -12.89
N GLY C 309 -4.67 -1.52 -12.45
CA GLY C 309 -4.07 -1.72 -11.15
C GLY C 309 -5.08 -1.57 -10.02
N TRP C 310 -5.98 -0.62 -10.16
CA TRP C 310 -7.01 -0.40 -9.17
C TRP C 310 -8.05 -1.53 -9.16
N ALA C 311 -8.47 -1.98 -10.34
CA ALA C 311 -9.46 -3.05 -10.43
C ALA C 311 -8.89 -4.25 -9.76
N GLN C 312 -7.61 -4.49 -10.03
CA GLN C 312 -6.87 -5.60 -9.47
C GLN C 312 -7.00 -5.64 -7.94
N ALA C 313 -6.81 -4.49 -7.30
CA ALA C 313 -6.91 -4.40 -5.84
C ALA C 313 -8.28 -4.88 -5.34
N VAL C 314 -9.32 -4.68 -6.16
CA VAL C 314 -10.66 -5.10 -5.77
C VAL C 314 -10.77 -6.62 -5.70
N LEU C 315 -10.36 -7.31 -6.75
CA LEU C 315 -10.43 -8.76 -6.75
C LEU C 315 -9.41 -9.35 -5.78
N PHE C 316 -8.20 -8.78 -5.76
CA PHE C 316 -7.13 -9.25 -4.86
C PHE C 316 -7.66 -9.19 -3.44
N SER C 317 -8.20 -8.03 -3.06
CA SER C 317 -8.73 -7.82 -1.73
C SER C 317 -9.84 -8.83 -1.41
N ALA C 318 -10.77 -9.01 -2.35
CA ALA C 318 -11.86 -9.97 -2.15
C ALA C 318 -11.34 -11.40 -2.11
N ASP C 319 -10.20 -11.65 -2.72
CA ASP C 319 -9.63 -12.99 -2.72
C ASP C 319 -8.99 -13.29 -1.35
N LEU C 320 -8.58 -12.24 -0.65
CA LEU C 320 -7.99 -12.40 0.68
C LEU C 320 -9.05 -12.95 1.63
N ARG C 321 -10.30 -12.52 1.43
CA ARG C 321 -11.41 -13.00 2.23
C ARG C 321 -11.72 -14.42 1.78
N GLN C 322 -10.84 -15.34 2.17
CA GLN C 322 -10.95 -16.74 1.81
C GLN C 322 -9.77 -17.48 2.44
CA CA D . 5.08 -19.09 -3.99
N9 OXG E . 1.16 -7.97 -2.65
C8 OXG E . 0.86 -7.20 -1.56
N7 OXG E . -0.16 -6.41 -1.73
C5 OXG E . -0.58 -6.67 -3.02
C6 OXG E . -1.66 -6.12 -3.77
O6 OXG E . -2.50 -5.26 -3.42
N1 OXG E . -1.74 -6.69 -5.04
C2 OXG E . -0.89 -7.65 -5.53
N2 OXG E . -1.13 -8.07 -6.79
N3 OXG E . 0.13 -8.16 -4.85
C4 OXG E . 0.22 -7.64 -3.61
O8 OXG E . 1.52 -7.24 -0.51
#